data_2RIV
#
_entry.id   2RIV
#
_cell.length_a   173.136
_cell.length_b   42.585
_cell.length_c   55.989
_cell.angle_alpha   90.00
_cell.angle_beta   90.00
_cell.angle_gamma   90.00
#
_symmetry.space_group_name_H-M   'P 21 21 2'
#
loop_
_entity.id
_entity.type
_entity.pdbx_description
1 polymer 'Thyroxine-binding globulin'
2 polymer 'Thyroxine-binding globulin'
3 non-polymer GLYCEROL
4 non-polymer 'SULFATE ION'
5 water water
#
loop_
_entity_poly.entity_id
_entity_poly.type
_entity_poly.pdbx_seq_one_letter_code
_entity_poly.pdbx_strand_id
1 'polypeptide(L)'
;SQPNATLYKMSSINADFAFNLYRRFTVETPDKNIFFSPVSISAALVMLSFGACCSTQTEIVETLGFNLTDTPMVEIQHGF
QHLICSLNFPKKELELQIGNALFIGKHLKPLAKFLNDVKTLYETEVFSTDFSNISAAKQEINSHVEMQTKGKVVGLIQDL
KPNTIMVLVNYIHFKAQWANPFDPSKTEDSSSFLIDKTTTVQVPMMHQMEQYYHLVDMELNCTVLQMDYSKNALALFVLP
KEGQMESVEAAMSSKTLKKWNRLLQKGWVDLFVPKFSISATYDLGATLLKMGIQHAYSENADFSGLTEDNGLKLSNAAHK
AVLHIGEKGTEAAGAMFLEAIPR
;
A
2 'polypeptide(L)' SENTFLHPIIQIDRSFMLLILERSTRSILFLGKVVNPTEA B
#
loop_
_chem_comp.id
_chem_comp.type
_chem_comp.name
_chem_comp.formula
GOL non-polymer GLYCEROL 'C3 H8 O3'
SO4 non-polymer 'SULFATE ION' 'O4 S -2'
#
# COMPACT_ATOMS: atom_id res chain seq x y z
N ALA A 5 6.80 17.27 9.65
CA ALA A 5 8.20 16.76 9.82
C ALA A 5 8.33 15.78 10.99
N THR A 6 7.41 15.88 11.96
CA THR A 6 7.39 14.97 13.11
C THR A 6 7.00 13.54 12.71
N LEU A 7 6.44 13.39 11.51
CA LEU A 7 5.98 12.10 11.00
C LEU A 7 7.05 11.34 10.20
N TYR A 8 8.16 12.01 9.89
CA TYR A 8 9.17 11.41 8.99
C TYR A 8 9.77 10.13 9.53
N LYS A 9 10.04 10.06 10.83
CA LYS A 9 10.66 8.87 11.39
C LYS A 9 9.69 7.67 11.26
N MET A 10 8.41 7.92 11.50
CA MET A 10 7.39 6.90 11.33
C MET A 10 7.21 6.46 9.88
N SER A 11 7.13 7.42 8.95
CA SER A 11 7.01 7.05 7.55
CA SER A 11 7.03 7.08 7.54
C SER A 11 8.25 6.31 7.07
N SER A 12 9.42 6.61 7.65
CA SER A 12 10.64 5.91 7.30
C SER A 12 10.57 4.44 7.78
N ILE A 13 10.02 4.19 8.96
CA ILE A 13 9.85 2.81 9.45
C ILE A 13 8.81 2.09 8.58
N ASN A 14 7.72 2.78 8.27
CA ASN A 14 6.69 2.23 7.43
C ASN A 14 7.23 1.88 6.04
N ALA A 15 8.15 2.71 5.53
CA ALA A 15 8.79 2.41 4.22
C ALA A 15 9.65 1.15 4.29
N ASP A 16 10.43 0.99 5.36
CA ASP A 16 11.26 -0.20 5.45
C ASP A 16 10.41 -1.46 5.61
N PHE A 17 9.26 -1.35 6.28
CA PHE A 17 8.30 -2.47 6.33
C PHE A 17 7.82 -2.75 4.91
N ALA A 18 7.50 -1.68 4.15
CA ALA A 18 7.09 -1.86 2.75
C ALA A 18 8.13 -2.70 1.98
N PHE A 19 9.40 -2.31 2.11
CA PHE A 19 10.45 -2.99 1.35
C PHE A 19 10.68 -4.43 1.82
N ASN A 20 10.57 -4.68 3.11
CA ASN A 20 10.72 -6.04 3.63
C ASN A 20 9.55 -6.94 3.20
N LEU A 21 8.34 -6.40 3.22
CA LEU A 21 7.19 -7.15 2.74
C LEU A 21 7.31 -7.41 1.22
N TYR A 22 7.72 -6.38 0.49
CA TYR A 22 8.00 -6.53 -0.93
C TYR A 22 8.94 -7.70 -1.19
N ARG A 23 10.03 -7.78 -0.43
CA ARG A 23 11.00 -8.85 -0.62
C ARG A 23 10.40 -10.22 -0.29
N ARG A 24 9.48 -10.30 0.66
CA ARG A 24 8.75 -11.56 0.91
C ARG A 24 7.94 -11.94 -0.33
N PHE A 25 7.29 -10.94 -0.92
CA PHE A 25 6.48 -11.18 -2.11
C PHE A 25 7.34 -11.63 -3.29
N THR A 26 8.57 -11.12 -3.44
CA THR A 26 9.40 -11.57 -4.57
C THR A 26 9.80 -13.03 -4.41
N VAL A 27 9.85 -13.49 -3.15
CA VAL A 27 10.09 -14.92 -2.89
C VAL A 27 8.84 -15.74 -3.22
N GLU A 28 7.67 -15.23 -2.83
CA GLU A 28 6.40 -15.96 -3.00
C GLU A 28 6.05 -16.10 -4.48
N THR A 29 6.21 -15.01 -5.22
CA THR A 29 5.89 -14.95 -6.64
C THR A 29 7.05 -14.29 -7.40
N PRO A 30 8.12 -15.06 -7.66
CA PRO A 30 9.31 -14.56 -8.35
C PRO A 30 9.01 -14.17 -9.81
N ASP A 31 9.66 -13.12 -10.28
CA ASP A 31 9.52 -12.64 -11.68
C ASP A 31 8.08 -12.39 -12.12
N LYS A 32 7.32 -11.77 -11.23
CA LYS A 32 5.91 -11.50 -11.46
C LYS A 32 5.57 -10.11 -10.95
N ASN A 33 4.56 -9.49 -11.57
CA ASN A 33 4.01 -8.25 -11.06
C ASN A 33 3.77 -8.30 -9.55
N ILE A 34 4.16 -7.22 -8.89
CA ILE A 34 3.85 -6.99 -7.48
C ILE A 34 3.20 -5.62 -7.40
N PHE A 35 2.09 -5.50 -6.65
CA PHE A 35 1.56 -4.18 -6.42
C PHE A 35 0.74 -4.18 -5.15
N PHE A 36 1.08 -3.28 -4.21
CA PHE A 36 0.34 -3.23 -2.96
C PHE A 36 0.42 -1.84 -2.34
N SER A 37 -0.45 -1.58 -1.37
CA SER A 37 -0.35 -0.36 -0.54
C SER A 37 0.21 -0.72 0.82
N PRO A 38 1.50 -0.43 1.04
CA PRO A 38 2.04 -0.75 2.36
C PRO A 38 1.39 0.07 3.48
N VAL A 39 1.02 1.32 3.21
CA VAL A 39 0.42 2.13 4.28
C VAL A 39 -0.94 1.55 4.71
N SER A 40 -1.67 0.99 3.77
CA SER A 40 -2.94 0.36 4.09
C SER A 40 -2.70 -0.82 5.01
N ILE A 41 -1.72 -1.67 4.67
CA ILE A 41 -1.43 -2.85 5.49
C ILE A 41 -0.96 -2.43 6.88
N SER A 42 -0.05 -1.45 6.95
CA SER A 42 0.46 -0.97 8.24
C SER A 42 -0.67 -0.38 9.10
N ALA A 43 -1.53 0.43 8.47
CA ALA A 43 -2.58 1.14 9.21
C ALA A 43 -3.63 0.16 9.77
N ALA A 44 -3.96 -0.87 9.01
CA ALA A 44 -4.95 -1.84 9.46
C ALA A 44 -4.41 -2.62 10.66
N LEU A 45 -3.14 -3.02 10.59
CA LEU A 45 -2.56 -3.82 11.68
C LEU A 45 -2.29 -2.97 12.93
N VAL A 46 -1.87 -1.71 12.77
CA VAL A 46 -1.76 -0.83 13.95
CA VAL A 46 -1.75 -0.85 13.96
C VAL A 46 -3.11 -0.64 14.62
N MET A 47 -4.16 -0.49 13.81
CA MET A 47 -5.49 -0.31 14.40
C MET A 47 -5.88 -1.55 15.22
N LEU A 48 -5.63 -2.74 14.68
CA LEU A 48 -5.91 -3.99 15.42
C LEU A 48 -5.10 -4.00 16.73
N SER A 49 -3.84 -3.58 16.67
CA SER A 49 -2.96 -3.56 17.85
C SER A 49 -3.46 -2.61 18.94
N PHE A 50 -4.29 -1.63 18.56
CA PHE A 50 -4.82 -0.67 19.52
C PHE A 50 -5.67 -1.40 20.58
N GLY A 51 -6.26 -2.52 20.18
CA GLY A 51 -7.08 -3.33 21.10
C GLY A 51 -6.40 -4.55 21.70
N ALA A 52 -5.12 -4.72 21.34
CA ALA A 52 -4.29 -5.82 21.83
C ALA A 52 -3.51 -5.41 23.09
N CYS A 53 -3.05 -6.42 23.84
CA CYS A 53 -2.22 -6.22 25.01
C CYS A 53 -1.02 -7.17 25.00
N CYS A 54 -0.04 -6.85 25.84
CA CYS A 54 1.11 -7.71 26.11
C CYS A 54 1.77 -8.18 24.79
N SER A 55 2.19 -9.44 24.70
CA SER A 55 2.93 -9.87 23.51
C SER A 55 2.12 -9.85 22.23
N THR A 56 0.78 -9.94 22.35
CA THR A 56 -0.06 -9.89 21.14
C THR A 56 0.13 -8.53 20.47
N GLN A 57 0.16 -7.52 21.33
CA GLN A 57 0.32 -6.14 20.87
C GLN A 57 1.76 -5.86 20.42
N THR A 58 2.73 -6.27 21.24
CA THR A 58 4.12 -5.95 20.90
C THR A 58 4.59 -6.67 19.62
N GLU A 59 4.13 -7.91 19.42
CA GLU A 59 4.47 -8.60 18.18
C GLU A 59 3.99 -7.85 16.95
N ILE A 60 2.79 -7.27 17.03
CA ILE A 60 2.24 -6.59 15.84
C ILE A 60 3.10 -5.39 15.50
N VAL A 61 3.36 -4.52 16.48
CA VAL A 61 4.10 -3.30 16.14
C VAL A 61 5.58 -3.56 15.81
N GLU A 62 6.18 -4.56 16.45
CA GLU A 62 7.56 -4.94 16.09
C GLU A 62 7.61 -5.53 14.69
N THR A 63 6.61 -6.33 14.31
CA THR A 63 6.55 -6.84 12.94
C THR A 63 6.42 -5.70 11.93
N LEU A 64 5.72 -4.62 12.33
CA LEU A 64 5.59 -3.43 11.48
C LEU A 64 6.87 -2.60 11.38
N GLY A 65 7.89 -2.96 12.15
CA GLY A 65 9.21 -2.29 12.10
C GLY A 65 9.56 -1.39 13.25
N PHE A 66 8.66 -1.26 14.22
CA PHE A 66 8.89 -0.33 15.32
C PHE A 66 9.75 -0.93 16.41
N ASN A 67 10.52 -0.08 17.07
CA ASN A 67 11.33 -0.49 18.20
C ASN A 67 10.78 0.21 19.42
N LEU A 68 10.32 -0.57 20.39
CA LEU A 68 9.55 -0.03 21.51
C LEU A 68 10.38 0.79 22.50
N THR A 69 11.69 0.61 22.48
CA THR A 69 12.59 1.43 23.29
CA THR A 69 12.62 1.41 23.28
C THR A 69 12.77 2.79 22.63
N ASP A 70 12.87 2.81 21.30
CA ASP A 70 12.96 4.07 20.57
C ASP A 70 11.65 4.84 20.69
N THR A 71 10.55 4.16 20.34
CA THR A 71 9.22 4.78 20.35
C THR A 71 8.22 3.93 21.12
N PRO A 72 7.86 4.38 22.33
CA PRO A 72 6.89 3.69 23.17
C PRO A 72 5.60 3.38 22.45
N MET A 73 4.92 2.34 22.91
CA MET A 73 3.66 1.93 22.31
C MET A 73 2.68 3.09 22.09
N VAL A 74 2.52 3.95 23.10
CA VAL A 74 1.58 5.07 23.04
CA VAL A 74 1.56 5.04 22.99
C VAL A 74 1.98 6.09 21.97
N GLU A 75 3.29 6.24 21.79
CA GLU A 75 3.82 7.14 20.74
C GLU A 75 3.53 6.61 19.33
N ILE A 76 3.64 5.29 19.14
CA ILE A 76 3.31 4.68 17.86
C ILE A 76 1.82 4.92 17.58
N GLN A 77 1.00 4.71 18.59
CA GLN A 77 -0.43 4.87 18.41
C GLN A 77 -0.76 6.30 18.01
N HIS A 78 -0.24 7.26 18.77
CA HIS A 78 -0.48 8.67 18.49
C HIS A 78 0.08 9.10 17.13
N GLY A 79 1.25 8.56 16.79
CA GLY A 79 1.90 8.86 15.51
C GLY A 79 1.08 8.43 14.32
N PHE A 80 0.55 7.19 14.36
CA PHE A 80 -0.30 6.70 13.27
C PHE A 80 -1.57 7.48 13.12
N GLN A 81 -2.10 7.95 14.24
CA GLN A 81 -3.31 8.74 14.19
C GLN A 81 -3.04 10.04 13.46
N HIS A 82 -1.91 10.65 13.79
CA HIS A 82 -1.49 11.89 13.12
C HIS A 82 -1.21 11.66 11.64
N LEU A 83 -0.56 10.54 11.33
CA LEU A 83 -0.25 10.17 9.94
C LEU A 83 -1.51 10.09 9.10
N ILE A 84 -2.50 9.32 9.56
CA ILE A 84 -3.75 9.15 8.82
C ILE A 84 -4.47 10.49 8.66
N CYS A 85 -4.49 11.29 9.72
CA CYS A 85 -5.11 12.60 9.65
C CYS A 85 -4.45 13.46 8.58
N SER A 86 -3.12 13.46 8.54
CA SER A 86 -2.40 14.28 7.56
CA SER A 86 -2.40 14.28 7.56
C SER A 86 -2.63 13.81 6.13
N LEU A 87 -2.61 12.50 5.91
CA LEU A 87 -2.88 11.96 4.58
C LEU A 87 -4.26 12.35 4.07
N ASN A 88 -5.25 12.36 4.97
CA ASN A 88 -6.62 12.65 4.57
C ASN A 88 -6.93 14.13 4.48
N PHE A 89 -6.01 14.98 4.92
CA PHE A 89 -6.29 16.41 4.90
C PHE A 89 -6.41 16.88 3.45
N PRO A 90 -7.53 17.53 3.09
CA PRO A 90 -7.84 17.96 1.73
C PRO A 90 -6.74 18.80 1.08
N LYS A 91 -6.33 18.43 -0.12
CA LYS A 91 -5.35 19.20 -0.89
C LYS A 91 -5.88 19.32 -2.32
N LYS A 92 -6.05 20.55 -2.79
CA LYS A 92 -6.61 20.78 -4.11
C LYS A 92 -5.83 20.00 -5.17
N GLU A 93 -6.59 19.34 -6.05
CA GLU A 93 -6.07 18.56 -7.19
C GLU A 93 -5.67 17.13 -6.85
N LEU A 94 -5.60 16.81 -5.55
CA LEU A 94 -5.26 15.45 -5.11
C LEU A 94 -6.45 14.75 -4.45
N GLU A 95 -6.81 13.58 -4.98
CA GLU A 95 -7.77 12.73 -4.28
C GLU A 95 -6.95 11.69 -3.53
N LEU A 96 -7.02 11.72 -2.21
CA LEU A 96 -6.36 10.74 -1.38
C LEU A 96 -7.16 10.56 -0.11
N GLN A 97 -7.71 9.36 0.07
CA GLN A 97 -8.46 9.02 1.28
C GLN A 97 -8.04 7.66 1.76
N ILE A 98 -7.80 7.57 3.06
CA ILE A 98 -7.49 6.29 3.68
C ILE A 98 -8.45 6.16 4.85
N GLY A 99 -9.25 5.09 4.85
CA GLY A 99 -10.24 4.92 5.90
C GLY A 99 -10.33 3.48 6.34
N ASN A 100 -11.15 3.25 7.35
CA ASN A 100 -11.35 1.89 7.76
CA ASN A 100 -11.29 1.94 7.99
C ASN A 100 -12.75 1.70 8.30
N ALA A 101 -13.13 0.42 8.34
CA ALA A 101 -14.45 0.05 8.83
C ALA A 101 -14.35 -1.23 9.62
N LEU A 102 -15.18 -1.30 10.67
CA LEU A 102 -15.26 -2.45 11.55
C LEU A 102 -16.66 -3.01 11.43
N PHE A 103 -16.75 -4.30 11.11
CA PHE A 103 -18.04 -4.98 10.95
C PHE A 103 -18.12 -5.90 12.15
N ILE A 104 -19.05 -5.57 13.05
CA ILE A 104 -19.10 -6.28 14.31
CA ILE A 104 -19.18 -6.16 14.38
C ILE A 104 -20.29 -7.21 14.37
N GLY A 105 -19.97 -8.46 14.70
CA GLY A 105 -20.99 -9.52 14.80
C GLY A 105 -22.10 -9.13 15.77
N LYS A 106 -23.28 -9.68 15.53
CA LYS A 106 -24.47 -9.38 16.33
C LYS A 106 -24.30 -9.72 17.80
N HIS A 107 -23.39 -10.64 18.12
CA HIS A 107 -23.24 -11.15 19.48
C HIS A 107 -21.91 -10.76 20.11
N LEU A 108 -21.11 -9.99 19.38
CA LEU A 108 -19.81 -9.53 19.87
CA LEU A 108 -19.81 -9.52 19.87
C LEU A 108 -20.02 -8.57 21.05
N LYS A 109 -19.03 -8.50 21.94
CA LYS A 109 -19.10 -7.61 23.10
C LYS A 109 -17.97 -6.57 23.07
N PRO A 110 -17.98 -5.69 22.05
CA PRO A 110 -16.89 -4.73 21.91
C PRO A 110 -16.95 -3.73 23.05
N LEU A 111 -15.79 -3.27 23.49
CA LEU A 111 -15.74 -2.24 24.53
C LEU A 111 -16.11 -0.89 23.93
N ALA A 112 -17.04 -0.20 24.58
CA ALA A 112 -17.48 1.11 24.12
C ALA A 112 -16.32 2.10 23.96
N LYS A 113 -15.37 2.07 24.91
CA LYS A 113 -14.15 2.89 24.83
C LYS A 113 -13.38 2.64 23.54
N PHE A 114 -13.19 1.35 23.22
CA PHE A 114 -12.47 0.98 21.99
C PHE A 114 -13.17 1.56 20.75
N LEU A 115 -14.48 1.36 20.65
CA LEU A 115 -15.23 1.84 19.49
C LEU A 115 -15.22 3.35 19.35
N ASN A 116 -15.43 4.06 20.46
CA ASN A 116 -15.40 5.52 20.42
C ASN A 116 -14.01 6.02 20.07
N ASP A 117 -12.99 5.34 20.59
CA ASP A 117 -11.59 5.71 20.31
C ASP A 117 -11.29 5.59 18.81
N VAL A 118 -11.65 4.47 18.20
CA VAL A 118 -11.37 4.27 16.76
C VAL A 118 -12.21 5.16 15.85
N LYS A 119 -13.47 5.39 16.21
CA LYS A 119 -14.32 6.31 15.45
C LYS A 119 -13.78 7.74 15.47
N THR A 120 -13.35 8.17 16.65
CA THR A 120 -12.88 9.54 16.82
C THR A 120 -11.46 9.74 16.35
N LEU A 121 -10.59 8.75 16.58
CA LEU A 121 -9.14 8.88 16.33
C LEU A 121 -8.62 8.22 15.05
N TYR A 122 -9.39 7.28 14.51
CA TYR A 122 -8.91 6.46 13.39
C TYR A 122 -9.83 6.54 12.17
N GLU A 123 -10.81 7.44 12.18
N GLU A 123 -10.66 7.58 12.14
CA GLU A 123 -11.74 7.61 11.03
CA GLU A 123 -11.82 7.62 11.26
C GLU A 123 -12.81 6.48 10.91
C GLU A 123 -12.21 6.20 10.82
N THR A 124 -12.76 5.48 11.79
CA THR A 124 -13.44 4.20 11.60
C THR A 124 -14.95 4.37 11.52
N GLU A 125 -15.57 3.69 10.57
CA GLU A 125 -17.02 3.54 10.53
C GLU A 125 -17.30 2.17 11.15
N VAL A 126 -18.31 2.09 12.02
CA VAL A 126 -18.64 0.83 12.70
C VAL A 126 -20.02 0.37 12.24
N PHE A 127 -20.10 -0.89 11.83
CA PHE A 127 -21.35 -1.46 11.34
C PHE A 127 -21.69 -2.71 12.11
N SER A 128 -22.97 -2.88 12.42
CA SER A 128 -23.46 -4.11 13.01
C SER A 128 -23.81 -5.06 11.87
N THR A 129 -23.20 -6.25 11.90
CA THR A 129 -23.28 -7.18 10.78
C THR A 129 -23.73 -8.57 11.23
N ASP A 130 -24.70 -9.11 10.51
CA ASP A 130 -25.19 -10.45 10.78
C ASP A 130 -24.37 -11.50 10.02
N PHE A 131 -23.37 -12.06 10.70
CA PHE A 131 -22.49 -13.06 10.06
C PHE A 131 -23.13 -14.44 9.96
N SER A 132 -24.30 -14.63 10.60
CA SER A 132 -25.03 -15.87 10.44
C SER A 132 -25.50 -16.03 9.00
N ASN A 133 -25.55 -14.91 8.25
CA ASN A 133 -25.78 -14.95 6.82
C ASN A 133 -24.49 -14.52 6.15
N ILE A 134 -23.60 -15.50 6.06
CA ILE A 134 -22.22 -15.27 5.67
C ILE A 134 -22.09 -14.75 4.24
N SER A 135 -22.95 -15.24 3.37
CA SER A 135 -22.97 -14.78 1.97
C SER A 135 -23.32 -13.29 1.88
N ALA A 136 -24.35 -12.87 2.61
CA ALA A 136 -24.78 -11.45 2.61
C ALA A 136 -23.76 -10.54 3.31
N ALA A 137 -23.15 -11.06 4.38
CA ALA A 137 -22.12 -10.30 5.12
C ALA A 137 -20.92 -10.03 4.21
N LYS A 138 -20.51 -11.06 3.48
CA LYS A 138 -19.37 -10.90 2.56
C LYS A 138 -19.68 -9.85 1.49
N GLN A 139 -20.89 -9.90 0.93
CA GLN A 139 -21.33 -8.93 -0.08
CA GLN A 139 -21.25 -8.92 -0.09
C GLN A 139 -21.36 -7.51 0.48
N GLU A 140 -21.89 -7.39 1.71
CA GLU A 140 -21.95 -6.09 2.38
C GLU A 140 -20.56 -5.47 2.51
N ILE A 141 -19.61 -6.26 2.99
CA ILE A 141 -18.25 -5.75 3.21
C ILE A 141 -17.58 -5.44 1.86
N ASN A 142 -17.71 -6.38 0.91
CA ASN A 142 -17.09 -6.14 -0.39
C ASN A 142 -17.64 -4.89 -1.07
N SER A 143 -18.96 -4.70 -1.02
CA SER A 143 -19.58 -3.52 -1.63
CA SER A 143 -19.58 -3.52 -1.63
C SER A 143 -19.15 -2.23 -0.93
N HIS A 144 -18.94 -2.30 0.38
CA HIS A 144 -18.49 -1.12 1.14
C HIS A 144 -17.09 -0.70 0.66
N VAL A 145 -16.20 -1.68 0.56
CA VAL A 145 -14.82 -1.41 0.11
C VAL A 145 -14.84 -0.89 -1.33
N GLU A 146 -15.68 -1.52 -2.18
CA GLU A 146 -15.84 -1.08 -3.55
C GLU A 146 -16.25 0.40 -3.62
N MET A 147 -17.25 0.77 -2.83
CA MET A 147 -17.74 2.14 -2.78
CA MET A 147 -17.74 2.14 -2.80
C MET A 147 -16.65 3.11 -2.33
N GLN A 148 -15.95 2.75 -1.25
CA GLN A 148 -14.93 3.63 -0.69
C GLN A 148 -13.70 3.78 -1.58
N THR A 149 -13.48 2.84 -2.50
CA THR A 149 -12.34 2.95 -3.43
C THR A 149 -12.80 3.43 -4.82
N LYS A 150 -13.97 4.07 -4.87
CA LYS A 150 -14.48 4.65 -6.12
C LYS A 150 -14.65 3.59 -7.20
N GLY A 151 -15.06 2.40 -6.77
CA GLY A 151 -15.32 1.29 -7.65
C GLY A 151 -14.10 0.47 -8.04
N LYS A 152 -12.92 0.85 -7.53
CA LYS A 152 -11.69 0.26 -8.05
C LYS A 152 -11.27 -1.06 -7.42
N VAL A 153 -11.65 -1.32 -6.16
CA VAL A 153 -11.31 -2.59 -5.53
C VAL A 153 -12.58 -3.40 -5.35
N VAL A 154 -12.72 -4.36 -6.26
CA VAL A 154 -13.94 -5.16 -6.33
C VAL A 154 -13.61 -6.55 -5.78
N GLY A 155 -14.52 -7.11 -4.96
CA GLY A 155 -14.35 -8.48 -4.45
C GLY A 155 -13.13 -8.72 -3.59
N LEU A 156 -12.85 -7.80 -2.66
CA LEU A 156 -11.71 -7.98 -1.77
C LEU A 156 -11.73 -9.35 -1.09
N ILE A 157 -12.90 -9.69 -0.53
CA ILE A 157 -13.03 -10.94 0.18
C ILE A 157 -13.64 -12.00 -0.74
N GLN A 158 -12.88 -13.06 -0.97
CA GLN A 158 -13.34 -14.18 -1.77
C GLN A 158 -14.06 -15.20 -0.92
N ASP A 159 -13.50 -15.49 0.25
CA ASP A 159 -14.17 -16.37 1.20
C ASP A 159 -14.15 -15.80 2.60
N LEU A 160 -15.25 -16.00 3.32
CA LEU A 160 -15.38 -15.53 4.68
C LEU A 160 -15.71 -16.75 5.54
N LYS A 161 -14.96 -16.98 6.61
CA LYS A 161 -15.22 -18.17 7.45
C LYS A 161 -16.62 -18.10 8.04
N PRO A 162 -17.32 -19.25 8.10
CA PRO A 162 -18.71 -19.25 8.58
C PRO A 162 -18.86 -18.82 10.04
N ASN A 163 -17.78 -18.92 10.81
CA ASN A 163 -17.78 -18.58 12.22
C ASN A 163 -17.19 -17.19 12.49
N THR A 164 -17.08 -16.37 11.45
CA THR A 164 -16.60 -14.99 11.61
C THR A 164 -17.46 -14.21 12.58
N ILE A 165 -16.80 -13.44 13.46
CA ILE A 165 -17.50 -12.60 14.43
C ILE A 165 -17.08 -11.12 14.34
N MET A 166 -16.02 -10.86 13.58
CA MET A 166 -15.61 -9.47 13.34
C MET A 166 -14.73 -9.39 12.11
N VAL A 167 -14.92 -8.34 11.30
CA VAL A 167 -14.03 -8.06 10.19
C VAL A 167 -13.57 -6.61 10.30
N LEU A 168 -12.27 -6.42 10.10
CA LEU A 168 -11.68 -5.07 10.01
C LEU A 168 -11.19 -4.88 8.57
N VAL A 169 -11.63 -3.82 7.90
CA VAL A 169 -11.09 -3.48 6.58
C VAL A 169 -10.51 -2.07 6.60
N ASN A 170 -9.40 -1.88 5.88
CA ASN A 170 -8.79 -0.57 5.62
C ASN A 170 -8.85 -0.41 4.11
N TYR A 171 -9.07 0.81 3.64
CA TYR A 171 -9.11 1.11 2.22
CA TYR A 171 -9.02 1.07 2.21
C TYR A 171 -8.31 2.38 1.93
N ILE A 172 -7.70 2.43 0.76
CA ILE A 172 -7.04 3.65 0.30
C ILE A 172 -7.41 3.90 -1.16
N HIS A 173 -7.66 5.16 -1.49
CA HIS A 173 -7.91 5.54 -2.86
C HIS A 173 -7.07 6.78 -3.17
N PHE A 174 -6.43 6.78 -4.33
CA PHE A 174 -5.51 7.81 -4.78
C PHE A 174 -5.80 8.11 -6.24
N LYS A 175 -6.02 9.40 -6.54
CA LYS A 175 -6.16 9.79 -7.94
C LYS A 175 -5.49 11.15 -8.08
N ALA A 176 -4.52 11.24 -9.00
CA ALA A 176 -3.74 12.47 -9.16
C ALA A 176 -3.41 12.69 -10.62
N GLN A 177 -3.18 13.96 -10.99
CA GLN A 177 -2.81 14.32 -12.36
C GLN A 177 -1.31 14.57 -12.41
N TRP A 178 -0.65 14.19 -13.50
CA TRP A 178 0.76 14.51 -13.66
C TRP A 178 0.90 16.01 -13.65
N ALA A 179 2.03 16.49 -13.10
CA ALA A 179 2.33 17.92 -13.19
C ALA A 179 2.47 18.30 -14.67
N ASN A 180 3.09 17.41 -15.43
CA ASN A 180 3.18 17.51 -16.87
C ASN A 180 2.50 16.32 -17.54
N PRO A 181 1.19 16.45 -17.84
CA PRO A 181 0.52 15.33 -18.49
C PRO A 181 1.11 14.98 -19.84
N PHE A 182 0.89 13.74 -20.28
CA PHE A 182 1.27 13.34 -21.63
C PHE A 182 0.18 13.78 -22.60
N ASP A 183 0.64 14.11 -23.81
CA ASP A 183 -0.29 14.37 -24.91
C ASP A 183 -0.65 13.06 -25.59
N PRO A 184 -1.95 12.67 -25.57
CA PRO A 184 -2.28 11.39 -26.20
C PRO A 184 -1.97 11.35 -27.71
N SER A 185 -1.82 12.50 -28.33
CA SER A 185 -1.45 12.53 -29.75
C SER A 185 -0.02 12.05 -30.00
N LYS A 186 0.79 12.01 -28.94
CA LYS A 186 2.18 11.56 -29.02
CA LYS A 186 2.18 11.57 -29.00
C LYS A 186 2.37 10.14 -28.47
N THR A 187 1.27 9.52 -28.01
CA THR A 187 1.33 8.14 -27.54
C THR A 187 1.38 7.18 -28.72
N GLU A 188 2.38 6.30 -28.71
CA GLU A 188 2.48 5.27 -29.76
C GLU A 188 1.48 4.17 -29.41
N ASP A 189 0.62 3.82 -30.37
CA ASP A 189 -0.46 2.87 -30.14
C ASP A 189 0.04 1.53 -29.63
N SER A 190 1.15 1.07 -30.20
CA SER A 190 1.63 -0.28 -29.95
C SER A 190 3.14 -0.28 -29.95
N SER A 191 3.71 -0.42 -28.77
CA SER A 191 5.15 -0.44 -28.59
CA SER A 191 5.16 -0.46 -28.61
C SER A 191 5.56 -1.63 -27.72
N SER A 192 6.79 -2.10 -27.91
CA SER A 192 7.26 -3.30 -27.25
CA SER A 192 7.26 -3.30 -27.23
C SER A 192 7.72 -3.05 -25.80
N PHE A 193 7.32 -3.96 -24.91
CA PHE A 193 7.74 -3.95 -23.51
C PHE A 193 8.30 -5.34 -23.24
N LEU A 194 9.54 -5.39 -22.76
CA LEU A 194 10.22 -6.66 -22.53
C LEU A 194 9.77 -7.28 -21.21
N ILE A 195 9.13 -8.45 -21.26
CA ILE A 195 8.64 -9.09 -20.04
C ILE A 195 9.57 -10.20 -19.52
N ASP A 196 10.45 -10.67 -20.41
CA ASP A 196 11.59 -11.52 -20.06
C ASP A 196 12.60 -11.39 -21.19
N LYS A 197 13.72 -12.12 -21.10
CA LYS A 197 14.82 -11.89 -22.03
C LYS A 197 14.44 -11.97 -23.51
N THR A 198 13.51 -12.86 -23.85
CA THR A 198 13.19 -13.17 -25.26
C THR A 198 11.73 -12.87 -25.63
N THR A 199 11.03 -12.15 -24.74
CA THR A 199 9.59 -12.02 -24.91
C THR A 199 9.14 -10.60 -24.68
N THR A 200 8.42 -10.06 -25.66
CA THR A 200 7.79 -8.78 -25.53
C THR A 200 6.27 -8.88 -25.52
N VAL A 201 5.65 -7.86 -24.94
CA VAL A 201 4.22 -7.62 -25.11
C VAL A 201 4.06 -6.21 -25.68
N GLN A 202 2.92 -5.93 -26.33
CA GLN A 202 2.67 -4.59 -26.86
C GLN A 202 1.83 -3.76 -25.89
N VAL A 203 2.23 -2.49 -25.73
CA VAL A 203 1.53 -1.54 -24.88
C VAL A 203 1.52 -0.18 -25.54
N PRO A 204 0.52 0.67 -25.22
CA PRO A 204 0.65 2.05 -25.69
C PRO A 204 1.82 2.68 -24.93
N MET A 205 2.68 3.42 -25.63
CA MET A 205 3.84 4.03 -24.99
C MET A 205 3.72 5.54 -25.11
N MET A 206 3.54 6.17 -23.96
CA MET A 206 3.39 7.62 -23.88
C MET A 206 4.77 8.25 -24.00
N HIS A 207 4.83 9.50 -24.47
CA HIS A 207 6.11 10.09 -24.77
C HIS A 207 6.06 11.59 -24.56
N GLN A 208 7.01 12.11 -23.76
CA GLN A 208 7.21 13.56 -23.65
C GLN A 208 8.66 13.87 -23.39
N MET A 209 9.04 15.13 -23.65
CA MET A 209 10.37 15.60 -23.29
C MET A 209 10.18 16.77 -22.34
N GLU A 210 10.50 16.56 -21.06
CA GLU A 210 10.37 17.64 -20.08
CA GLU A 210 10.27 17.54 -19.98
C GLU A 210 11.47 17.52 -19.05
N GLN A 211 11.54 18.50 -18.15
CA GLN A 211 12.51 18.46 -17.05
C GLN A 211 11.96 17.67 -15.88
N TYR A 212 12.74 16.66 -15.47
CA TYR A 212 12.42 15.87 -14.31
CA TYR A 212 12.43 15.76 -14.38
C TYR A 212 13.65 15.65 -13.48
N TYR A 213 13.44 15.53 -12.19
CA TYR A 213 14.50 15.07 -11.28
C TYR A 213 14.82 13.62 -11.62
N HIS A 214 16.11 13.30 -11.85
CA HIS A 214 16.48 11.93 -12.18
CA HIS A 214 16.48 11.91 -12.11
C HIS A 214 17.95 11.70 -11.76
N LEU A 215 18.32 10.41 -11.75
CA LEU A 215 19.74 10.07 -11.48
C LEU A 215 20.03 8.69 -12.06
N VAL A 216 21.33 8.42 -12.21
CA VAL A 216 21.78 7.04 -12.41
C VAL A 216 22.55 6.71 -11.15
N ASP A 217 22.16 5.65 -10.46
CA ASP A 217 22.87 5.21 -9.25
C ASP A 217 24.07 4.39 -9.67
N MET A 218 25.25 4.91 -9.34
CA MET A 218 26.53 4.36 -9.82
C MET A 218 26.86 3.06 -9.10
N GLU A 219 26.32 2.89 -7.89
CA GLU A 219 26.57 1.68 -7.10
CA GLU A 219 26.57 1.69 -7.08
C GLU A 219 25.59 0.56 -7.45
N LEU A 220 24.32 0.92 -7.63
CA LEU A 220 23.25 -0.08 -7.87
C LEU A 220 22.94 -0.29 -9.35
N ASN A 221 23.54 0.51 -10.23
CA ASN A 221 23.33 0.42 -11.67
C ASN A 221 21.84 0.41 -12.02
N CYS A 222 21.20 1.50 -11.65
CA CYS A 222 19.81 1.67 -11.99
C CYS A 222 19.56 3.13 -12.23
N THR A 223 18.59 3.37 -13.09
CA THR A 223 18.11 4.71 -13.36
C THR A 223 16.93 4.98 -12.45
N VAL A 224 16.90 6.20 -11.89
CA VAL A 224 15.78 6.61 -11.04
C VAL A 224 15.19 7.91 -11.57
N LEU A 225 13.88 7.84 -11.78
CA LEU A 225 13.14 8.95 -12.35
C LEU A 225 12.00 9.34 -11.42
N GLN A 226 11.95 10.64 -11.09
CA GLN A 226 10.83 11.15 -10.31
C GLN A 226 9.85 11.88 -11.23
N MET A 227 8.58 11.46 -11.20
CA MET A 227 7.54 12.19 -11.95
C MET A 227 6.57 12.76 -10.97
N ASP A 228 6.47 14.08 -10.95
CA ASP A 228 5.62 14.75 -10.00
C ASP A 228 4.17 14.70 -10.42
N TYR A 229 3.30 14.53 -9.43
CA TYR A 229 1.88 14.81 -9.63
C TYR A 229 1.70 16.29 -9.33
N SER A 230 0.53 16.83 -9.65
CA SER A 230 0.37 18.29 -9.57
C SER A 230 0.34 18.84 -8.15
N LYS A 231 0.05 18.00 -7.16
CA LYS A 231 -0.04 18.43 -5.77
C LYS A 231 0.34 17.37 -4.75
N ASN A 232 1.42 17.62 -3.99
CA ASN A 232 1.70 16.84 -2.77
C ASN A 232 1.93 15.34 -2.98
N ALA A 233 2.33 14.95 -4.19
CA ALA A 233 2.61 13.55 -4.45
C ALA A 233 3.55 13.38 -5.64
N LEU A 234 4.25 12.24 -5.67
CA LEU A 234 5.16 11.98 -6.77
C LEU A 234 5.22 10.48 -7.01
N ALA A 235 5.66 10.12 -8.21
CA ALA A 235 5.96 8.73 -8.51
C ALA A 235 7.46 8.57 -8.74
N LEU A 236 8.01 7.47 -8.22
CA LEU A 236 9.41 7.14 -8.48
CA LEU A 236 9.40 7.17 -8.46
C LEU A 236 9.46 5.89 -9.29
N PHE A 237 10.11 5.97 -10.47
CA PHE A 237 10.31 4.81 -11.33
C PHE A 237 11.77 4.37 -11.17
N VAL A 238 11.94 3.07 -10.92
CA VAL A 238 13.28 2.52 -10.72
C VAL A 238 13.54 1.50 -11.82
N LEU A 239 14.51 1.82 -12.68
CA LEU A 239 14.77 1.03 -13.89
C LEU A 239 16.17 0.42 -13.82
N PRO A 240 16.26 -0.83 -13.36
CA PRO A 240 17.59 -1.46 -13.27
C PRO A 240 18.19 -1.72 -14.65
N LYS A 241 19.52 -1.71 -14.70
CA LYS A 241 20.22 -2.23 -15.87
C LYS A 241 19.90 -3.71 -16.07
N GLU A 242 20.20 -4.22 -17.27
CA GLU A 242 20.04 -5.65 -17.57
C GLU A 242 20.69 -6.51 -16.51
N GLY A 243 19.92 -7.43 -15.95
CA GLY A 243 20.41 -8.38 -14.96
C GLY A 243 20.58 -7.83 -13.54
N GLN A 244 20.13 -6.60 -13.31
CA GLN A 244 20.35 -5.95 -12.02
C GLN A 244 19.10 -5.88 -11.13
N MET A 245 17.95 -6.39 -11.60
CA MET A 245 16.71 -6.25 -10.79
C MET A 245 16.87 -6.84 -9.39
N GLU A 246 17.37 -8.07 -9.29
CA GLU A 246 17.51 -8.71 -7.98
C GLU A 246 18.38 -7.89 -7.02
N SER A 247 19.50 -7.36 -7.52
CA SER A 247 20.38 -6.58 -6.65
C SER A 247 19.76 -5.24 -6.27
N VAL A 248 18.97 -4.64 -7.16
CA VAL A 248 18.30 -3.40 -6.77
C VAL A 248 17.25 -3.72 -5.71
N GLU A 249 16.49 -4.78 -5.92
CA GLU A 249 15.48 -5.20 -4.93
C GLU A 249 16.09 -5.38 -3.55
N ALA A 250 17.25 -6.01 -3.52
CA ALA A 250 17.92 -6.25 -2.24
C ALA A 250 18.31 -4.96 -1.53
N ALA A 251 18.59 -3.94 -2.34
CA ALA A 251 19.10 -2.67 -1.80
C ALA A 251 18.02 -1.67 -1.41
N MET A 252 16.76 -1.95 -1.77
CA MET A 252 15.72 -0.95 -1.51
C MET A 252 15.48 -0.81 0.00
N SER A 253 15.53 0.43 0.49
CA SER A 253 15.36 0.70 1.91
C SER A 253 15.14 2.18 2.06
N SER A 254 14.76 2.60 3.26
CA SER A 254 14.66 4.03 3.53
C SER A 254 16.01 4.74 3.38
N LYS A 255 17.08 4.05 3.78
CA LYS A 255 18.42 4.55 3.59
C LYS A 255 18.69 4.87 2.11
N THR A 256 18.31 3.93 1.24
CA THR A 256 18.47 4.16 -0.20
C THR A 256 17.63 5.34 -0.68
N LEU A 257 16.36 5.40 -0.23
CA LEU A 257 15.56 6.56 -0.63
C LEU A 257 16.14 7.89 -0.20
N LYS A 258 16.74 7.92 1.00
CA LYS A 258 17.34 9.17 1.50
C LYS A 258 18.55 9.55 0.64
N LYS A 259 19.34 8.54 0.25
CA LYS A 259 20.48 8.78 -0.63
C LYS A 259 20.01 9.37 -1.96
N TRP A 260 18.99 8.73 -2.54
CA TRP A 260 18.52 9.25 -3.81
C TRP A 260 17.93 10.64 -3.73
N ASN A 261 17.27 10.98 -2.62
CA ASN A 261 16.65 12.29 -2.47
CA ASN A 261 16.66 12.29 -2.59
C ASN A 261 17.71 13.40 -2.59
N ARG A 262 18.89 13.12 -2.05
CA ARG A 262 20.00 14.07 -2.17
C ARG A 262 20.54 14.16 -3.60
N LEU A 263 20.61 13.01 -4.29
CA LEU A 263 21.30 12.93 -5.59
C LEU A 263 20.42 13.34 -6.78
N LEU A 264 19.09 13.28 -6.65
CA LEU A 264 18.24 13.61 -7.79
C LEU A 264 18.49 15.02 -8.27
N GLN A 265 18.62 15.17 -9.59
CA GLN A 265 18.83 16.50 -10.18
C GLN A 265 17.86 16.67 -11.34
N LYS A 266 17.27 17.87 -11.45
CA LYS A 266 16.26 18.14 -12.47
C LYS A 266 16.89 18.60 -13.78
N GLY A 267 16.56 17.92 -14.87
CA GLY A 267 17.06 18.27 -16.18
C GLY A 267 16.21 17.60 -17.24
N TRP A 268 16.44 17.98 -18.50
CA TRP A 268 15.64 17.42 -19.61
C TRP A 268 15.79 15.92 -19.74
N VAL A 269 14.66 15.26 -19.99
CA VAL A 269 14.64 13.83 -20.25
C VAL A 269 13.69 13.58 -21.40
N ASP A 270 14.12 12.74 -22.35
CA ASP A 270 13.27 12.25 -23.44
C ASP A 270 12.64 10.96 -22.89
N LEU A 271 11.36 11.05 -22.52
CA LEU A 271 10.77 10.07 -21.62
C LEU A 271 9.67 9.27 -22.29
N PHE A 272 9.74 7.94 -22.16
CA PHE A 272 8.74 7.00 -22.68
C PHE A 272 8.25 6.20 -21.50
N VAL A 273 6.94 6.27 -21.27
CA VAL A 273 6.29 5.55 -20.14
C VAL A 273 5.06 4.80 -20.68
N PRO A 274 4.92 3.53 -20.31
CA PRO A 274 3.75 2.77 -20.80
C PRO A 274 2.43 3.17 -20.15
N LYS A 275 1.34 3.04 -20.91
CA LYS A 275 0.01 3.23 -20.41
C LYS A 275 -0.55 1.84 -20.12
N PHE A 276 -1.00 1.60 -18.88
CA PHE A 276 -1.38 0.24 -18.51
C PHE A 276 -2.14 0.21 -17.20
N SER A 277 -2.74 -0.96 -16.93
CA SER A 277 -3.41 -1.20 -15.66
C SER A 277 -3.01 -2.58 -15.19
N ILE A 278 -2.77 -2.71 -13.89
CA ILE A 278 -2.55 -4.03 -13.30
C ILE A 278 -3.28 -4.15 -11.97
N SER A 279 -3.45 -5.40 -11.52
CA SER A 279 -4.05 -5.66 -10.21
CA SER A 279 -4.11 -5.71 -10.25
C SER A 279 -3.30 -6.80 -9.57
N ALA A 280 -3.30 -6.82 -8.23
CA ALA A 280 -2.66 -7.89 -7.49
C ALA A 280 -3.42 -8.19 -6.22
N THR A 281 -3.40 -9.47 -5.82
CA THR A 281 -3.98 -9.92 -4.56
C THR A 281 -2.99 -10.73 -3.76
N TYR A 282 -3.10 -10.64 -2.44
CA TYR A 282 -2.23 -11.33 -1.50
C TYR A 282 -3.02 -11.96 -0.36
N ASP A 283 -2.81 -13.26 -0.13
CA ASP A 283 -3.27 -13.94 1.07
C ASP A 283 -2.14 -13.75 2.07
N LEU A 284 -2.39 -12.96 3.11
CA LEU A 284 -1.34 -12.50 4.02
C LEU A 284 -1.27 -13.27 5.35
N GLY A 285 -2.20 -14.20 5.58
CA GLY A 285 -2.28 -14.89 6.88
C GLY A 285 -0.95 -15.49 7.29
N ALA A 286 -0.45 -16.42 6.48
CA ALA A 286 0.79 -17.10 6.78
C ALA A 286 2.01 -16.18 6.68
N THR A 287 1.99 -15.21 5.76
CA THR A 287 3.09 -14.25 5.64
C THR A 287 3.28 -13.47 6.93
N LEU A 288 2.18 -12.93 7.46
CA LEU A 288 2.24 -12.13 8.67
C LEU A 288 2.69 -12.98 9.87
N LEU A 289 2.27 -14.25 9.87
CA LEU A 289 2.72 -15.20 10.89
C LEU A 289 4.24 -15.38 10.85
N LYS A 290 4.77 -15.65 9.65
CA LYS A 290 6.23 -15.82 9.46
C LYS A 290 6.98 -14.56 9.85
N MET A 291 6.37 -13.39 9.61
CA MET A 291 7.04 -12.14 9.90
C MET A 291 7.04 -11.82 11.40
N GLY A 292 6.26 -12.55 12.19
CA GLY A 292 6.32 -12.41 13.65
C GLY A 292 5.02 -12.19 14.39
N ILE A 293 3.91 -12.08 13.65
CA ILE A 293 2.60 -11.96 14.30
C ILE A 293 2.06 -13.34 14.62
N GLN A 294 2.26 -13.74 15.87
CA GLN A 294 1.99 -15.12 16.31
C GLN A 294 0.80 -15.22 17.26
N HIS A 295 0.88 -14.50 18.38
CA HIS A 295 -0.16 -14.60 19.40
C HIS A 295 -1.54 -14.16 18.94
N ALA A 296 -1.60 -13.23 17.99
CA ALA A 296 -2.88 -12.77 17.48
C ALA A 296 -3.74 -13.91 16.93
N TYR A 297 -3.08 -14.96 16.43
CA TYR A 297 -3.73 -16.10 15.79
C TYR A 297 -4.07 -17.22 16.78
N SER A 298 -3.55 -17.11 18.00
CA SER A 298 -3.60 -18.23 18.94
C SER A 298 -4.83 -18.23 19.85
N GLU A 299 -5.08 -19.39 20.46
CA GLU A 299 -6.16 -19.49 21.44
C GLU A 299 -5.87 -18.66 22.70
N ASN A 300 -4.62 -18.19 22.82
CA ASN A 300 -4.25 -17.28 23.90
C ASN A 300 -4.01 -15.84 23.44
N ALA A 301 -4.56 -15.48 22.27
CA ALA A 301 -4.59 -14.09 21.79
C ALA A 301 -5.04 -13.12 22.87
N ASP A 302 -4.34 -12.00 23.00
CA ASP A 302 -4.69 -11.02 24.00
C ASP A 302 -5.17 -9.75 23.32
N PHE A 303 -6.48 -9.68 23.15
CA PHE A 303 -7.16 -8.51 22.64
C PHE A 303 -8.11 -7.98 23.72
N SER A 304 -7.57 -7.87 24.94
CA SER A 304 -8.33 -7.40 26.12
C SER A 304 -8.81 -5.96 26.04
N GLY A 305 -8.20 -5.20 25.12
CA GLY A 305 -8.60 -3.82 24.90
C GLY A 305 -9.73 -3.69 23.91
N LEU A 306 -10.16 -4.82 23.34
CA LEU A 306 -11.11 -4.77 22.24
C LEU A 306 -12.51 -5.25 22.63
N THR A 307 -12.60 -6.38 23.34
CA THR A 307 -13.90 -6.90 23.78
C THR A 307 -13.92 -7.13 25.28
N GLU A 308 -15.12 -7.12 25.86
CA GLU A 308 -15.31 -7.40 27.29
C GLU A 308 -14.69 -8.72 27.72
N ASP A 309 -14.87 -9.74 26.88
CA ASP A 309 -14.56 -11.11 27.23
C ASP A 309 -13.30 -11.64 26.56
N ASN A 310 -12.56 -10.77 25.89
CA ASN A 310 -11.38 -11.20 25.11
C ASN A 310 -11.77 -12.40 24.21
N GLY A 311 -12.86 -12.21 23.46
CA GLY A 311 -13.52 -13.33 22.79
C GLY A 311 -13.12 -13.68 21.38
N LEU A 312 -12.09 -13.00 20.85
CA LEU A 312 -11.71 -13.22 19.45
C LEU A 312 -10.23 -13.48 19.22
N LYS A 313 -9.94 -14.10 18.08
CA LYS A 313 -8.57 -14.21 17.59
C LYS A 313 -8.57 -13.95 16.10
N LEU A 314 -7.41 -13.55 15.58
CA LEU A 314 -7.22 -13.36 14.15
C LEU A 314 -7.21 -14.73 13.45
N SER A 315 -7.90 -14.82 12.31
CA SER A 315 -7.93 -16.05 11.52
C SER A 315 -7.35 -15.93 10.10
N ASN A 316 -7.53 -14.78 9.46
CA ASN A 316 -7.10 -14.62 8.08
C ASN A 316 -6.84 -13.15 7.78
N ALA A 317 -6.04 -12.92 6.73
CA ALA A 317 -5.71 -11.56 6.30
C ALA A 317 -5.48 -11.60 4.80
N ALA A 318 -5.94 -10.57 4.10
CA ALA A 318 -5.74 -10.45 2.64
C ALA A 318 -5.69 -9.02 2.21
N HIS A 319 -5.08 -8.80 1.06
CA HIS A 319 -4.90 -7.47 0.50
C HIS A 319 -5.14 -7.55 -1.00
N LYS A 320 -5.78 -6.51 -1.52
CA LYS A 320 -5.90 -6.34 -2.97
C LYS A 320 -5.55 -4.90 -3.33
N ALA A 321 -4.84 -4.73 -4.44
CA ALA A 321 -4.50 -3.38 -4.90
C ALA A 321 -4.50 -3.32 -6.41
N VAL A 322 -4.85 -2.15 -6.93
CA VAL A 322 -4.99 -1.94 -8.38
C VAL A 322 -4.32 -0.63 -8.77
N LEU A 323 -3.80 -0.60 -10.00
CA LEU A 323 -3.03 0.53 -10.53
C LEU A 323 -3.42 0.84 -11.96
N HIS A 324 -3.65 2.12 -12.26
CA HIS A 324 -3.73 2.57 -13.66
C HIS A 324 -2.83 3.77 -13.86
N ILE A 325 -2.03 3.71 -14.92
CA ILE A 325 -1.19 4.84 -15.34
C ILE A 325 -1.54 5.19 -16.78
N GLY A 326 -1.85 6.46 -17.04
CA GLY A 326 -2.20 6.89 -18.38
C GLY A 326 -1.75 8.31 -18.60
N GLU A 327 -2.22 8.93 -19.69
CA GLU A 327 -1.71 10.27 -20.05
C GLU A 327 -2.02 11.35 -19.03
N LYS A 328 -3.17 11.23 -18.37
CA LYS A 328 -3.61 12.28 -17.44
C LYS A 328 -2.92 12.22 -16.09
N GLY A 329 -2.60 11.01 -15.65
CA GLY A 329 -2.09 10.83 -14.30
C GLY A 329 -2.08 9.38 -13.87
N THR A 330 -2.43 9.15 -12.61
CA THR A 330 -2.43 7.82 -12.01
C THR A 330 -3.65 7.67 -11.12
N GLU A 331 -4.26 6.49 -11.13
CA GLU A 331 -5.28 6.21 -10.16
C GLU A 331 -4.92 4.86 -9.56
N ALA A 332 -4.92 4.78 -8.23
CA ALA A 332 -4.53 3.54 -7.57
C ALA A 332 -5.41 3.37 -6.34
N ALA A 333 -5.67 2.12 -5.96
CA ALA A 333 -6.44 1.87 -4.76
C ALA A 333 -6.00 0.56 -4.13
N GLY A 334 -6.28 0.42 -2.83
CA GLY A 334 -5.97 -0.86 -2.19
C GLY A 334 -6.87 -1.06 -1.00
N ALA A 335 -6.90 -2.28 -0.50
CA ALA A 335 -7.72 -2.60 0.68
C ALA A 335 -7.12 -3.77 1.43
N MET A 336 -7.27 -3.71 2.75
CA MET A 336 -6.76 -4.76 3.63
C MET A 336 -7.95 -5.38 4.36
N PHE A 337 -7.91 -6.70 4.52
CA PHE A 337 -8.97 -7.48 5.17
C PHE A 337 -8.35 -8.22 6.33
N LEU A 338 -8.95 -8.08 7.52
CA LEU A 338 -8.58 -8.86 8.68
C LEU A 338 -9.84 -9.52 9.24
N GLU A 339 -9.78 -10.84 9.41
CA GLU A 339 -10.91 -11.67 9.81
C GLU A 339 -10.68 -12.19 11.23
N ALA A 340 -11.72 -12.16 12.06
CA ALA A 340 -11.62 -12.70 13.42
C ALA A 340 -12.72 -13.71 13.70
N ILE A 341 -12.35 -14.74 14.47
CA ILE A 341 -13.27 -15.81 14.88
C ILE A 341 -13.21 -15.97 16.39
N PRO A 342 -14.11 -16.77 16.99
CA PRO A 342 -13.99 -16.95 18.44
C PRO A 342 -12.63 -17.52 18.86
N ARG A 343 -12.13 -17.10 20.02
CA ARG A 343 -10.79 -17.48 20.46
C ARG A 343 -10.68 -18.95 20.86
N HIS B 7 19.80 15.32 -24.87
CA HIS B 7 19.11 15.02 -23.60
C HIS B 7 19.02 13.51 -23.40
N PRO B 8 19.22 13.03 -22.16
CA PRO B 8 19.16 11.59 -21.91
C PRO B 8 17.78 11.04 -22.25
N ILE B 9 17.76 9.83 -22.78
CA ILE B 9 16.54 9.11 -23.07
C ILE B 9 16.31 8.15 -21.93
N ILE B 10 15.08 8.13 -21.38
CA ILE B 10 14.67 7.13 -20.41
C ILE B 10 13.45 6.43 -20.97
N GLN B 11 13.59 5.14 -21.27
CA GLN B 11 12.51 4.37 -21.86
C GLN B 11 12.11 3.27 -20.90
N ILE B 12 10.91 3.37 -20.35
CA ILE B 12 10.43 2.40 -19.37
C ILE B 12 9.78 1.30 -20.21
N ASP B 13 10.65 0.43 -20.76
CA ASP B 13 10.22 -0.58 -21.71
C ASP B 13 10.69 -1.98 -21.31
N ARG B 14 10.94 -2.14 -20.02
CA ARG B 14 11.28 -3.42 -19.43
C ARG B 14 10.98 -3.34 -17.92
N SER B 15 11.18 -4.44 -17.18
CA SER B 15 10.76 -4.51 -15.78
C SER B 15 11.28 -3.32 -14.98
N PHE B 16 10.40 -2.78 -14.13
CA PHE B 16 10.76 -1.66 -13.29
C PHE B 16 10.04 -1.72 -11.96
N MET B 17 10.62 -1.03 -10.97
CA MET B 17 9.92 -0.80 -9.69
C MET B 17 9.24 0.55 -9.70
N LEU B 18 8.15 0.63 -8.95
CA LEU B 18 7.38 1.85 -8.85
C LEU B 18 6.99 2.14 -7.40
N LEU B 19 7.21 3.40 -6.99
CA LEU B 19 6.73 3.89 -5.69
C LEU B 19 5.85 5.10 -5.94
N ILE B 20 4.73 5.16 -5.21
CA ILE B 20 3.92 6.38 -5.19
C ILE B 20 4.01 6.95 -3.77
N LEU B 21 4.47 8.19 -3.65
CA LEU B 21 4.74 8.79 -2.35
C LEU B 21 3.92 10.05 -2.15
N GLU B 22 3.45 10.25 -0.92
CA GLU B 22 2.79 11.48 -0.55
C GLU B 22 3.89 12.35 0.07
N ARG B 23 3.94 13.63 -0.33
CA ARG B 23 5.10 14.47 0.01
C ARG B 23 5.12 14.97 1.45
N SER B 24 3.97 15.39 1.99
CA SER B 24 3.98 16.10 3.28
C SER B 24 4.46 15.18 4.41
N THR B 25 4.13 13.89 4.30
CA THR B 25 4.50 12.92 5.34
C THR B 25 5.62 12.00 4.91
N ARG B 26 5.98 12.07 3.62
CA ARG B 26 6.98 11.17 3.00
C ARG B 26 6.59 9.69 3.07
N SER B 27 5.29 9.43 3.00
CA SER B 27 4.76 8.07 3.06
C SER B 27 4.72 7.39 1.71
N ILE B 28 5.14 6.13 1.70
CA ILE B 28 4.95 5.27 0.53
C ILE B 28 3.49 4.77 0.58
N LEU B 29 2.72 5.25 -0.38
CA LEU B 29 1.31 4.88 -0.48
C LEU B 29 1.17 3.57 -1.22
N PHE B 30 1.94 3.42 -2.30
CA PHE B 30 1.93 2.18 -3.10
C PHE B 30 3.33 1.80 -3.51
N LEU B 31 3.57 0.48 -3.63
CA LEU B 31 4.86 -0.03 -4.04
C LEU B 31 4.64 -1.22 -4.94
N GLY B 32 5.44 -1.28 -6.00
CA GLY B 32 5.28 -2.43 -6.88
C GLY B 32 6.42 -2.66 -7.83
N LYS B 33 6.27 -3.74 -8.59
CA LYS B 33 7.19 -4.07 -9.67
C LYS B 33 6.29 -4.50 -10.83
N VAL B 34 6.55 -3.88 -11.97
CA VAL B 34 5.82 -4.19 -13.18
C VAL B 34 6.74 -5.00 -14.09
N VAL B 35 6.37 -6.28 -14.27
CA VAL B 35 7.09 -7.22 -15.12
C VAL B 35 6.35 -7.35 -16.44
N ASN B 36 5.03 -7.51 -16.34
CA ASN B 36 4.18 -7.63 -17.54
C ASN B 36 2.98 -6.70 -17.41
N PRO B 37 3.05 -5.53 -18.03
CA PRO B 37 1.98 -4.55 -17.86
C PRO B 37 0.64 -4.94 -18.50
N THR B 38 0.59 -6.08 -19.22
CA THR B 38 -0.63 -6.54 -19.88
C THR B 38 -1.19 -7.80 -19.23
N GLU B 39 -0.59 -8.19 -18.11
CA GLU B 39 -1.07 -9.34 -17.36
C GLU B 39 -2.50 -9.12 -16.87
N ALA B 40 -3.36 -10.08 -17.18
CA ALA B 40 -4.74 -10.08 -16.74
C ALA B 40 -4.83 -10.46 -15.25
C1 GOL C . 7.68 -12.23 -29.17
O1 GOL C . 8.40 -11.51 -28.20
C2 GOL C . 7.02 -13.38 -28.47
O2 GOL C . 6.23 -12.74 -27.46
C3 GOL C . 8.06 -14.33 -27.85
O3 GOL C . 9.38 -14.32 -28.40
C1 GOL D . 1.49 6.16 -33.71
O1 GOL D . 0.81 5.10 -33.09
C2 GOL D . 0.85 7.50 -33.37
O2 GOL D . -0.22 7.79 -34.26
C3 GOL D . 1.86 8.64 -33.43
O3 GOL D . 2.40 8.93 -32.16
C1 GOL E . 13.17 18.09 -4.66
O1 GOL E . 12.12 19.03 -4.71
C2 GOL E . 12.71 16.81 -5.36
O2 GOL E . 11.37 16.57 -5.01
C3 GOL E . 13.58 15.59 -5.09
O3 GOL E . 14.81 15.88 -4.44
S SO4 F . -5.71 8.39 -18.16
O1 SO4 F . -4.67 8.53 -17.12
O2 SO4 F . -5.51 9.47 -19.13
O3 SO4 F . -5.62 7.08 -18.82
O4 SO4 F . -7.00 8.45 -17.44
S SO4 G . 3.51 20.17 -3.94
O1 SO4 G . 2.38 20.73 -3.20
O2 SO4 G . 4.59 21.15 -4.01
O3 SO4 G . 3.99 18.98 -3.24
O4 SO4 G . 3.09 19.83 -5.29
#